data_6TKQ
#
_entry.id   6TKQ
#
_cell.length_a   42.120
_cell.length_b   76.840
_cell.length_c   148.800
_cell.angle_alpha   90.000
_cell.angle_beta   90.000
_cell.angle_gamma   90.000
#
_symmetry.space_group_name_H-M   'P 21 21 21'
#
loop_
_entity.id
_entity.type
_entity.pdbx_description
1 polymer Tankyrase-2
2 non-polymer 'ZINC ION'
3 non-polymer ~{N}-[3-[5-(5-ethoxypyridin-2-yl)-4-phenyl-1,2,4-triazol-3-yl]cyclobutyl]-1,5-naphthyridine-4-carboxamide
4 water water
#
_entity_poly.entity_id   1
_entity_poly.type   'polypeptide(L)'
_entity_poly.pdbx_seq_one_letter_code
;MHHHHHHSSGVDLGTENLYFQSMLNTSGSGTILIDLSPDDKEFQSVEEEMQSTVREHRDGGHAGGIFNRYNILKIQKVCN
KKLWERYTHRRKEVSEENHNHANERMLFHGSPFVNAIIHKGFDERHAYIGGMFGAGIYFAENSSKSNQYVYGIGGGTGCP
VHKDRSCYICHRQLLFCRVTLGKSFLQFSAMKMAHSPPGHHSVTGRPSVNGLALAEYVIYRGEQAYPEYLITYQIMRPEG
;
_entity_poly.pdbx_strand_id   AAA,BBB
#
loop_
_chem_comp.id
_chem_comp.type
_chem_comp.name
_chem_comp.formula
NJN non-polymer ~{N}-[3-[5-(5-ethoxypyridin-2-yl)-4-phenyl-1,2,4-triazol-3-yl]cyclobutyl]-1,5-naphthyridine-4-carboxamide 'C28 H25 N7 O2'
ZN non-polymer 'ZINC ION' 'Zn 2'
#
# COMPACT_ATOMS: atom_id res chain seq x y z
N SER A 29 -20.91 4.83 -11.21
CA SER A 29 -19.56 5.49 -11.18
C SER A 29 -19.48 6.51 -10.03
N GLY A 30 -20.40 7.48 -10.00
CA GLY A 30 -20.45 8.57 -9.02
C GLY A 30 -19.66 9.80 -9.47
N THR A 31 -18.90 9.70 -10.57
CA THR A 31 -18.04 10.81 -11.04
C THR A 31 -18.83 11.73 -11.96
N ILE A 32 -18.77 13.03 -11.68
CA ILE A 32 -19.33 14.15 -12.48
C ILE A 32 -18.15 15.04 -12.91
N LEU A 33 -18.14 15.46 -14.17
CA LEU A 33 -17.15 16.41 -14.74
C LEU A 33 -17.84 17.75 -14.91
N ILE A 34 -17.28 18.81 -14.34
CA ILE A 34 -17.80 20.20 -14.46
C ILE A 34 -16.87 20.97 -15.39
N ASP A 35 -17.36 21.28 -16.60
N ASP A 35 -17.35 21.27 -16.61
CA ASP A 35 -16.62 22.09 -17.62
CA ASP A 35 -16.63 22.09 -17.61
C ASP A 35 -16.41 23.48 -17.02
C ASP A 35 -16.42 23.48 -17.00
N LEU A 36 -15.18 23.96 -16.95
CA LEU A 36 -14.86 25.31 -16.43
C LEU A 36 -14.77 26.26 -17.62
N SER A 37 -15.40 27.42 -17.51
CA SER A 37 -15.29 28.48 -18.53
C SER A 37 -13.86 29.05 -18.51
N PRO A 38 -13.22 29.25 -19.69
CA PRO A 38 -11.93 29.93 -19.75
C PRO A 38 -11.85 31.28 -19.01
N ASP A 39 -12.99 31.94 -18.78
CA ASP A 39 -13.08 33.25 -18.06
C ASP A 39 -13.06 33.02 -16.54
N ASP A 40 -13.24 31.78 -16.10
CA ASP A 40 -13.29 31.36 -14.67
C ASP A 40 -11.86 31.40 -14.13
N LYS A 41 -11.64 32.02 -12.98
CA LYS A 41 -10.29 32.20 -12.38
C LYS A 41 -9.74 30.84 -11.94
N GLU A 42 -10.61 29.87 -11.66
CA GLU A 42 -10.19 28.48 -11.30
C GLU A 42 -9.58 27.79 -12.54
N PHE A 43 -10.23 27.88 -13.71
CA PHE A 43 -9.67 27.47 -15.03
C PHE A 43 -8.30 28.14 -15.20
N GLN A 44 -8.26 29.45 -15.01
CA GLN A 44 -7.06 30.29 -15.33
C GLN A 44 -5.88 29.89 -14.43
N SER A 45 -6.13 29.52 -13.18
CA SER A 45 -5.07 29.12 -12.22
C SER A 45 -4.43 27.83 -12.69
N VAL A 46 -5.28 26.88 -13.10
CA VAL A 46 -4.83 25.55 -13.60
C VAL A 46 -4.08 25.74 -14.94
N GLU A 47 -4.65 26.52 -15.85
CA GLU A 47 -4.03 26.86 -17.17
C GLU A 47 -2.64 27.45 -16.93
N GLU A 48 -2.53 28.47 -16.05
CA GLU A 48 -1.24 29.15 -15.77
C GLU A 48 -0.24 28.12 -15.23
N GLU A 49 -0.65 27.30 -14.26
CA GLU A 49 0.21 26.27 -13.62
C GLU A 49 0.75 25.29 -14.67
N MET A 50 -0.12 24.86 -15.56
CA MET A 50 0.20 24.00 -16.72
C MET A 50 1.22 24.68 -17.65
N GLN A 51 0.99 25.94 -18.05
CA GLN A 51 1.88 26.65 -19.03
C GLN A 51 3.21 27.04 -18.36
N SER A 52 3.18 27.52 -17.12
CA SER A 52 4.34 28.10 -16.40
C SER A 52 5.35 27.03 -15.97
N THR A 53 4.94 25.77 -15.80
CA THR A 53 5.83 24.73 -15.22
C THR A 53 6.47 23.87 -16.32
N VAL A 54 6.33 24.28 -17.59
CA VAL A 54 7.01 23.65 -18.75
C VAL A 54 8.52 23.92 -18.63
N ARG A 55 9.33 22.89 -18.87
CA ARG A 55 10.81 22.96 -18.91
C ARG A 55 11.28 22.37 -20.24
N GLU A 56 12.50 22.69 -20.65
CA GLU A 56 13.23 21.95 -21.72
C GLU A 56 13.73 20.65 -21.09
N HIS A 57 13.49 19.50 -21.71
CA HIS A 57 13.89 18.17 -21.19
C HIS A 57 15.20 17.75 -21.88
N ARG A 58 16.09 17.08 -21.13
CA ARG A 58 17.44 16.73 -21.65
C ARG A 58 17.29 15.69 -22.79
N ASP A 59 16.14 15.02 -22.95
CA ASP A 59 15.90 14.04 -24.05
C ASP A 59 15.57 14.78 -25.36
N GLY A 60 15.59 16.12 -25.38
CA GLY A 60 15.38 16.91 -26.60
C GLY A 60 13.99 16.74 -27.18
N GLY A 61 13.04 16.19 -26.41
CA GLY A 61 11.63 16.02 -26.81
C GLY A 61 11.31 14.59 -27.18
N HIS A 62 12.24 13.66 -27.00
CA HIS A 62 12.06 12.25 -27.45
C HIS A 62 10.77 11.65 -26.86
N ALA A 63 10.47 11.90 -25.58
CA ALA A 63 9.38 11.19 -24.85
C ALA A 63 8.04 11.93 -24.97
N GLY A 64 8.04 13.25 -24.82
CA GLY A 64 6.81 14.07 -24.74
C GLY A 64 6.54 14.93 -25.97
N GLY A 65 7.52 15.09 -26.86
CA GLY A 65 7.42 15.97 -28.04
C GLY A 65 8.19 17.27 -27.86
N ILE A 66 8.29 18.06 -28.93
CA ILE A 66 8.99 19.38 -28.94
C ILE A 66 7.93 20.48 -28.87
N PHE A 67 7.95 21.27 -27.79
CA PHE A 67 7.00 22.34 -27.47
C PHE A 67 7.57 23.19 -26.34
N ASN A 68 7.13 24.44 -26.23
CA ASN A 68 7.38 25.29 -25.05
C ASN A 68 6.04 25.75 -24.46
N ARG A 69 4.92 25.40 -25.08
CA ARG A 69 3.56 25.86 -24.69
C ARG A 69 2.54 24.77 -25.09
N TYR A 70 1.35 24.80 -24.49
CA TYR A 70 0.21 23.93 -24.82
C TYR A 70 -0.91 24.77 -25.44
N ASN A 71 -1.76 24.11 -26.23
CA ASN A 71 -3.14 24.53 -26.57
C ASN A 71 -4.08 23.95 -25.50
N ILE A 72 -4.50 24.74 -24.52
CA ILE A 72 -5.42 24.27 -23.45
C ILE A 72 -6.84 24.30 -24.02
N LEU A 73 -7.42 23.12 -24.23
CA LEU A 73 -8.75 22.96 -24.89
C LEU A 73 -9.86 22.96 -23.83
N LYS A 74 -9.60 22.37 -22.66
CA LYS A 74 -10.70 22.04 -21.72
C LYS A 74 -10.09 21.70 -20.36
N ILE A 75 -10.67 22.29 -19.32
CA ILE A 75 -10.33 21.94 -17.91
C ILE A 75 -11.65 21.63 -17.23
N GLN A 76 -11.73 20.47 -16.61
CA GLN A 76 -12.94 19.97 -15.91
C GLN A 76 -12.58 19.67 -14.45
N LYS A 77 -13.38 20.16 -13.51
N LYS A 77 -13.37 20.17 -13.51
CA LYS A 77 -13.26 19.71 -12.10
CA LYS A 77 -13.30 19.72 -12.09
C LYS A 77 -13.90 18.33 -12.01
C LYS A 77 -13.91 18.32 -12.01
N VAL A 78 -13.19 17.37 -11.41
CA VAL A 78 -13.68 15.98 -11.20
C VAL A 78 -14.35 15.97 -9.83
N CYS A 79 -15.64 15.62 -9.78
CA CYS A 79 -16.44 15.57 -8.53
CA CYS A 79 -16.44 15.57 -8.53
C CYS A 79 -16.91 14.12 -8.30
N ASN A 80 -16.36 13.46 -7.27
CA ASN A 80 -16.73 12.08 -6.86
C ASN A 80 -16.68 12.02 -5.33
N LYS A 81 -17.85 11.93 -4.66
CA LYS A 81 -17.96 11.94 -3.18
C LYS A 81 -17.15 10.76 -2.62
N LYS A 82 -17.30 9.56 -3.20
CA LYS A 82 -16.66 8.34 -2.69
C LYS A 82 -15.15 8.58 -2.68
N LEU A 83 -14.60 9.07 -3.79
CA LEU A 83 -13.13 9.21 -3.97
C LEU A 83 -12.59 10.35 -3.09
N TRP A 84 -13.33 11.43 -2.93
CA TRP A 84 -12.97 12.59 -2.08
C TRP A 84 -12.87 12.14 -0.62
N GLU A 85 -13.86 11.37 -0.15
CA GLU A 85 -13.93 10.86 1.25
C GLU A 85 -12.76 9.89 1.50
N ARG A 86 -12.50 9.00 0.54
CA ARG A 86 -11.34 8.08 0.51
C ARG A 86 -10.06 8.90 0.72
N TYR A 87 -9.90 10.00 -0.01
CA TYR A 87 -8.72 10.89 0.05
C TYR A 87 -8.64 11.56 1.43
N THR A 88 -9.69 12.22 1.90
CA THR A 88 -9.61 13.06 3.13
C THR A 88 -9.39 12.15 4.33
N HIS A 89 -9.99 10.95 4.33
CA HIS A 89 -9.82 9.91 5.37
C HIS A 89 -8.35 9.54 5.49
N ARG A 90 -7.69 9.26 4.36
CA ARG A 90 -6.25 8.92 4.35
C ARG A 90 -5.49 10.13 4.88
N ARG A 91 -5.88 11.33 4.42
CA ARG A 91 -5.13 12.57 4.71
C ARG A 91 -5.13 12.83 6.22
N LYS A 92 -6.26 12.65 6.89
CA LYS A 92 -6.34 12.74 8.37
C LYS A 92 -5.30 11.82 9.01
N GLU A 93 -5.20 10.57 8.54
CA GLU A 93 -4.30 9.55 9.14
C GLU A 93 -2.85 9.97 8.93
N VAL A 94 -2.50 10.38 7.71
CA VAL A 94 -1.11 10.79 7.34
C VAL A 94 -0.73 11.98 8.23
N SER A 95 -1.66 12.89 8.42
CA SER A 95 -1.49 14.16 9.18
C SER A 95 -1.10 13.86 10.63
N GLU A 96 -1.82 12.93 11.28
CA GLU A 96 -1.60 12.52 12.71
C GLU A 96 -0.23 11.86 12.84
N GLU A 97 0.26 11.24 11.77
CA GLU A 97 1.58 10.55 11.71
C GLU A 97 2.70 11.51 11.31
N ASN A 98 2.43 12.81 11.12
CA ASN A 98 3.44 13.77 10.59
C ASN A 98 3.23 15.15 11.23
N HIS A 99 2.98 15.19 12.54
CA HIS A 99 2.91 16.42 13.38
C HIS A 99 1.81 17.36 12.87
N ASN A 100 0.62 16.81 12.59
N ASN A 100 0.65 16.77 12.55
CA ASN A 100 -0.58 17.52 12.05
CA ASN A 100 -0.57 17.44 12.04
C ASN A 100 -0.18 18.28 10.78
C ASN A 100 -0.21 18.26 10.79
N HIS A 101 0.50 17.62 9.85
CA HIS A 101 0.88 18.21 8.54
C HIS A 101 0.72 17.13 7.47
N ALA A 102 -0.25 17.34 6.56
CA ALA A 102 -0.58 16.43 5.45
C ALA A 102 0.55 16.48 4.42
N ASN A 103 1.21 17.64 4.32
CA ASN A 103 2.18 17.95 3.25
C ASN A 103 1.47 17.73 1.92
N GLU A 104 0.35 18.43 1.75
CA GLU A 104 -0.51 18.32 0.54
C GLU A 104 0.07 19.25 -0.52
N ARG A 105 0.17 18.74 -1.74
CA ARG A 105 0.69 19.48 -2.92
C ARG A 105 -0.30 19.28 -4.06
N MET A 106 -0.40 20.29 -4.94
CA MET A 106 -1.08 20.14 -6.24
C MET A 106 -0.04 19.71 -7.27
N LEU A 107 -0.16 18.51 -7.85
CA LEU A 107 0.85 17.94 -8.76
C LEU A 107 0.19 17.35 -10.02
N PHE A 108 0.92 17.40 -11.13
CA PHE A 108 0.51 16.80 -12.42
C PHE A 108 0.72 15.30 -12.34
N HIS A 109 -0.21 14.56 -12.93
CA HIS A 109 -0.07 13.10 -13.18
C HIS A 109 -0.31 12.83 -14.66
N GLY A 110 0.57 12.03 -15.26
CA GLY A 110 0.43 11.55 -16.64
C GLY A 110 0.41 10.03 -16.68
N SER A 111 -0.55 9.44 -17.38
CA SER A 111 -0.61 7.99 -17.68
C SER A 111 -1.65 7.74 -18.78
N PRO A 112 -1.63 6.56 -19.44
CA PRO A 112 -2.72 6.18 -20.34
C PRO A 112 -4.05 5.90 -19.65
N PHE A 113 -4.16 6.00 -18.31
CA PHE A 113 -5.29 5.42 -17.53
C PHE A 113 -6.14 6.53 -16.90
N VAL A 114 -6.05 7.72 -17.46
CA VAL A 114 -6.76 8.94 -16.96
C VAL A 114 -8.25 8.63 -16.81
N ASN A 115 -8.87 7.96 -17.78
CA ASN A 115 -10.33 7.71 -17.77
C ASN A 115 -10.68 6.76 -16.62
N ALA A 116 -9.93 5.69 -16.42
CA ALA A 116 -10.12 4.75 -15.29
C ALA A 116 -10.01 5.53 -13.97
N ILE A 117 -8.99 6.40 -13.84
CA ILE A 117 -8.62 7.08 -12.56
C ILE A 117 -9.76 8.01 -12.13
N ILE A 118 -10.35 8.78 -13.05
CA ILE A 118 -11.42 9.75 -12.69
C ILE A 118 -12.69 9.01 -12.25
N HIS A 119 -12.85 7.74 -12.62
CA HIS A 119 -14.04 6.94 -12.26
C HIS A 119 -13.77 6.08 -11.01
N LYS A 120 -12.59 5.46 -10.91
CA LYS A 120 -12.31 4.42 -9.88
C LYS A 120 -11.24 4.91 -8.88
N GLY A 121 -10.56 6.03 -9.15
CA GLY A 121 -9.46 6.56 -8.31
C GLY A 121 -8.12 5.95 -8.66
N PHE A 122 -7.02 6.50 -8.16
CA PHE A 122 -5.66 5.92 -8.33
C PHE A 122 -5.65 4.55 -7.64
N ASP A 123 -4.86 3.62 -8.21
CA ASP A 123 -4.79 2.22 -7.76
C ASP A 123 -3.34 1.76 -7.89
N GLU A 124 -2.63 1.63 -6.76
CA GLU A 124 -1.20 1.24 -6.71
C GLU A 124 -1.05 -0.17 -7.29
N ARG A 125 -2.10 -0.98 -7.29
CA ARG A 125 -2.04 -2.38 -7.79
C ARG A 125 -1.75 -2.41 -9.30
N HIS A 126 -1.89 -1.27 -9.98
CA HIS A 126 -1.66 -1.10 -11.43
C HIS A 126 -0.32 -0.39 -11.70
N ALA A 127 0.47 -0.14 -10.67
CA ALA A 127 1.77 0.56 -10.77
C ALA A 127 2.72 -0.26 -11.64
N TYR A 128 3.54 0.41 -12.44
CA TYR A 128 4.57 -0.24 -13.29
C TYR A 128 5.88 -0.29 -12.50
N ILE A 129 6.48 -1.48 -12.48
CA ILE A 129 7.60 -1.86 -11.57
C ILE A 129 8.92 -1.25 -12.10
N GLY A 130 8.93 -0.71 -13.34
CA GLY A 130 10.11 -0.08 -13.96
C GLY A 130 10.30 1.40 -13.62
N GLY A 131 9.75 1.90 -12.53
CA GLY A 131 9.97 3.30 -12.11
C GLY A 131 11.28 3.44 -11.34
N MET A 132 11.86 4.65 -11.32
CA MET A 132 13.11 4.96 -10.57
C MET A 132 12.93 4.58 -9.08
N PHE A 133 11.71 4.68 -8.54
CA PHE A 133 11.39 4.51 -7.10
C PHE A 133 10.39 3.37 -6.88
N GLY A 134 10.43 2.38 -7.79
CA GLY A 134 9.66 1.14 -7.65
C GLY A 134 8.17 1.34 -7.97
N ALA A 135 7.33 0.46 -7.44
CA ALA A 135 5.93 0.31 -7.83
C ALA A 135 5.10 1.31 -7.05
N GLY A 136 4.99 2.53 -7.59
CA GLY A 136 4.21 3.62 -7.00
C GLY A 136 3.48 4.43 -8.08
N ILE A 137 2.72 5.43 -7.65
CA ILE A 137 2.03 6.38 -8.55
C ILE A 137 2.90 7.65 -8.58
N TYR A 138 3.30 8.05 -9.77
CA TYR A 138 4.27 9.16 -10.00
C TYR A 138 3.49 10.44 -10.36
N PHE A 139 3.86 11.52 -9.67
CA PHE A 139 3.40 12.91 -9.90
C PHE A 139 4.62 13.79 -10.18
N ALA A 140 4.41 14.98 -10.73
CA ALA A 140 5.45 15.97 -11.04
C ALA A 140 4.90 17.36 -10.76
N GLU A 141 5.79 18.30 -10.46
CA GLU A 141 5.46 19.74 -10.30
C GLU A 141 5.64 20.44 -11.65
N ASN A 142 6.22 19.75 -12.64
CA ASN A 142 6.38 20.25 -14.03
C ASN A 142 5.42 19.50 -14.95
N SER A 143 4.45 20.20 -15.53
CA SER A 143 3.42 19.64 -16.44
C SER A 143 4.10 18.87 -17.57
N SER A 144 5.19 19.40 -18.10
CA SER A 144 5.93 18.85 -19.26
C SER A 144 6.56 17.50 -18.89
N LYS A 145 6.86 17.27 -17.61
CA LYS A 145 7.43 15.98 -17.16
C LYS A 145 6.32 14.92 -17.22
N SER A 146 5.14 15.19 -16.68
CA SER A 146 3.98 14.26 -16.67
C SER A 146 3.53 13.99 -18.11
N ASN A 147 3.55 15.01 -18.97
CA ASN A 147 3.23 14.90 -20.41
C ASN A 147 4.04 13.76 -21.07
N GLN A 148 5.26 13.51 -20.63
CA GLN A 148 6.12 12.41 -21.17
C GLN A 148 5.53 11.02 -20.91
N TYR A 149 4.51 10.88 -20.06
CA TYR A 149 3.96 9.55 -19.69
C TYR A 149 2.53 9.35 -20.18
N VAL A 150 1.94 10.34 -20.86
CA VAL A 150 0.50 10.25 -21.21
C VAL A 150 0.28 9.05 -22.14
N TYR A 151 1.27 8.71 -22.98
CA TYR A 151 1.23 7.60 -23.97
C TYR A 151 2.04 6.39 -23.47
N GLY A 152 2.50 6.41 -22.22
CA GLY A 152 3.20 5.30 -21.58
C GLY A 152 4.56 5.73 -21.04
N ILE A 153 5.31 4.77 -20.47
CA ILE A 153 6.70 5.00 -19.96
C ILE A 153 7.58 5.45 -21.13
N GLY A 154 8.32 6.54 -20.97
CA GLY A 154 9.13 7.15 -22.04
C GLY A 154 8.30 7.43 -23.28
N GLY A 155 7.01 7.76 -23.11
CA GLY A 155 6.14 8.22 -24.22
C GLY A 155 5.60 7.07 -25.06
N GLY A 156 5.92 5.82 -24.70
CA GLY A 156 5.50 4.61 -25.45
C GLY A 156 5.82 4.72 -26.93
N THR A 157 4.88 4.34 -27.79
CA THR A 157 4.99 4.44 -29.27
C THR A 157 4.30 5.71 -29.77
N GLY A 158 3.99 6.65 -28.87
CA GLY A 158 3.37 7.95 -29.22
C GLY A 158 1.86 7.86 -29.29
N CYS A 159 1.21 8.84 -29.93
CA CYS A 159 -0.26 8.85 -30.10
C CYS A 159 -0.68 7.57 -30.83
N PRO A 160 -1.87 7.02 -30.51
CA PRO A 160 -2.38 5.84 -31.21
C PRO A 160 -2.53 6.01 -32.73
N VAL A 161 -3.00 7.18 -33.18
CA VAL A 161 -3.38 7.40 -34.61
C VAL A 161 -2.13 7.53 -35.48
N HIS A 162 -1.12 8.30 -35.08
CA HIS A 162 0.10 8.60 -35.89
C HIS A 162 1.38 7.99 -35.30
N LYS A 163 1.28 7.20 -34.23
N LYS A 163 1.29 7.18 -34.24
CA LYS A 163 2.46 6.59 -33.54
CA LYS A 163 2.47 6.57 -33.56
C LYS A 163 3.57 7.63 -33.47
C LYS A 163 3.59 7.64 -33.47
N ASP A 164 3.25 8.84 -33.02
CA ASP A 164 4.17 10.02 -32.93
C ASP A 164 4.15 10.60 -31.51
N ARG A 165 5.29 10.60 -30.82
CA ARG A 165 5.39 11.10 -29.44
C ARG A 165 5.31 12.63 -29.42
N SER A 166 5.58 13.28 -30.56
CA SER A 166 5.58 14.76 -30.70
C SER A 166 4.33 15.19 -31.48
N CYS A 167 3.26 14.39 -31.43
CA CYS A 167 2.04 14.66 -32.23
C CYS A 167 1.41 15.96 -31.76
N TYR A 168 1.15 16.88 -32.69
CA TYR A 168 0.51 18.19 -32.43
C TYR A 168 -0.99 18.11 -32.71
N ILE A 169 -1.45 16.97 -33.25
CA ILE A 169 -2.85 16.81 -33.74
C ILE A 169 -3.70 16.16 -32.63
N CYS A 170 -3.39 14.93 -32.26
CA CYS A 170 -4.14 14.16 -31.24
C CYS A 170 -4.17 14.95 -29.93
N HIS A 171 -5.32 14.95 -29.26
CA HIS A 171 -5.56 15.63 -27.95
C HIS A 171 -5.15 14.72 -26.79
N ARG A 172 -4.43 15.28 -25.83
CA ARG A 172 -3.88 14.56 -24.64
C ARG A 172 -4.67 14.97 -23.41
N GLN A 173 -4.61 14.16 -22.34
CA GLN A 173 -5.19 14.49 -21.02
C GLN A 173 -4.15 14.31 -19.90
N LEU A 174 -4.00 15.34 -19.07
CA LEU A 174 -3.24 15.31 -17.79
C LEU A 174 -4.25 15.45 -16.67
N LEU A 175 -3.90 14.93 -15.49
CA LEU A 175 -4.60 15.23 -14.23
C LEU A 175 -3.74 16.20 -13.41
N PHE A 176 -4.39 17.22 -12.86
CA PHE A 176 -3.80 18.12 -11.86
C PHE A 176 -4.46 17.74 -10.54
N CYS A 177 -3.68 17.09 -9.66
CA CYS A 177 -4.17 16.26 -8.55
C CYS A 177 -3.77 16.85 -7.21
N ARG A 178 -4.63 16.59 -6.22
CA ARG A 178 -4.34 16.88 -4.80
C ARG A 178 -3.67 15.65 -4.24
N VAL A 179 -2.42 15.80 -3.77
CA VAL A 179 -1.56 14.66 -3.35
C VAL A 179 -1.09 14.90 -1.91
N THR A 180 -1.29 13.90 -1.06
CA THR A 180 -0.82 13.86 0.34
C THR A 180 0.54 13.17 0.35
N LEU A 181 1.62 13.91 0.58
CA LEU A 181 3.02 13.39 0.63
C LEU A 181 3.38 12.97 2.05
N GLY A 182 2.75 13.58 3.06
CA GLY A 182 3.09 13.40 4.48
C GLY A 182 4.57 13.55 4.72
N LYS A 183 5.17 12.63 5.45
CA LYS A 183 6.65 12.62 5.66
C LYS A 183 7.28 11.99 4.43
N SER A 184 7.85 12.83 3.57
CA SER A 184 8.38 12.40 2.26
C SER A 184 9.85 12.02 2.43
N PHE A 185 10.26 10.83 1.96
CA PHE A 185 11.67 10.37 1.98
C PHE A 185 12.41 10.93 0.77
N LEU A 186 13.52 11.62 0.98
CA LEU A 186 14.33 12.21 -0.12
C LEU A 186 15.28 11.15 -0.66
N GLN A 187 15.38 10.99 -1.99
CA GLN A 187 16.15 9.89 -2.64
C GLN A 187 16.61 10.36 -4.03
N PHE A 188 17.69 9.73 -4.55
CA PHE A 188 18.14 9.77 -5.97
C PHE A 188 17.83 8.43 -6.66
N SER A 189 17.82 8.40 -8.00
CA SER A 189 17.52 7.16 -8.80
C SER A 189 18.60 6.09 -8.56
N LYS A 192 13.68 -0.15 -7.13
CA LYS A 192 13.58 -1.43 -6.38
C LYS A 192 12.93 -1.17 -5.01
N MET A 193 11.62 -0.89 -4.98
CA MET A 193 10.88 -0.40 -3.78
C MET A 193 9.36 -0.61 -3.96
N ALA A 194 8.68 -1.09 -2.91
CA ALA A 194 7.28 -1.56 -2.93
C ALA A 194 6.36 -0.57 -2.21
N HIS A 195 6.78 -0.09 -1.03
CA HIS A 195 6.02 0.79 -0.11
C HIS A 195 6.90 1.97 0.27
N SER A 196 6.33 2.95 0.98
CA SER A 196 7.06 4.09 1.58
C SER A 196 8.13 3.49 2.50
N PRO A 197 9.31 4.11 2.65
CA PRO A 197 10.20 3.74 3.76
C PRO A 197 9.47 3.80 5.10
N PRO A 198 9.94 3.02 6.10
CA PRO A 198 9.36 3.08 7.45
C PRO A 198 9.28 4.50 8.00
N GLY A 199 8.15 4.84 8.62
CA GLY A 199 7.86 6.16 9.19
C GLY A 199 7.50 7.20 8.15
N HIS A 200 7.57 6.87 6.85
CA HIS A 200 7.35 7.83 5.73
C HIS A 200 6.06 7.49 4.96
N HIS A 201 5.56 8.46 4.18
CA HIS A 201 4.26 8.42 3.48
C HIS A 201 4.41 8.55 1.96
N SER A 202 5.58 8.99 1.50
CA SER A 202 5.89 9.19 0.06
C SER A 202 7.40 9.18 -0.13
N VAL A 203 7.83 9.24 -1.38
CA VAL A 203 9.26 9.47 -1.78
C VAL A 203 9.27 10.72 -2.67
N THR A 204 10.15 11.67 -2.36
CA THR A 204 10.47 12.83 -3.24
C THR A 204 11.79 12.51 -3.94
N GLY A 205 11.73 12.29 -5.25
CA GLY A 205 12.91 12.13 -6.11
C GLY A 205 13.52 13.48 -6.42
N ARG A 206 14.82 13.62 -6.16
CA ARG A 206 15.54 14.91 -6.22
C ARG A 206 16.54 14.81 -7.34
N PRO A 207 16.85 15.94 -8.02
CA PRO A 207 17.79 15.93 -9.15
C PRO A 207 19.20 15.52 -8.73
N SER A 208 19.89 14.83 -9.64
CA SER A 208 21.24 14.25 -9.48
C SER A 208 21.95 14.35 -10.84
N VAL A 209 23.28 14.46 -10.84
CA VAL A 209 24.10 14.60 -12.07
C VAL A 209 23.92 13.34 -12.93
N ASN A 210 23.96 12.16 -12.29
CA ASN A 210 23.87 10.84 -12.97
C ASN A 210 22.44 10.28 -12.84
N GLY A 211 21.42 11.14 -12.67
CA GLY A 211 20.05 10.72 -12.30
C GLY A 211 18.96 11.65 -12.79
N LEU A 212 17.99 11.95 -11.93
CA LEU A 212 16.83 12.84 -12.23
C LEU A 212 17.28 14.25 -12.64
N ALA A 213 16.58 14.84 -13.60
CA ALA A 213 16.72 16.24 -14.06
C ALA A 213 15.81 17.16 -13.24
N LEU A 214 14.64 16.65 -12.84
CA LEU A 214 13.52 17.39 -12.20
C LEU A 214 12.96 16.57 -11.02
N ALA A 215 12.34 17.24 -10.06
CA ALA A 215 11.60 16.66 -8.91
C ALA A 215 10.47 15.75 -9.42
N GLU A 216 10.34 14.55 -8.84
CA GLU A 216 9.10 13.73 -8.96
C GLU A 216 8.71 13.28 -7.56
N TYR A 217 7.42 12.99 -7.34
CA TYR A 217 6.84 12.52 -6.08
C TYR A 217 6.13 11.19 -6.31
N VAL A 218 6.25 10.28 -5.37
CA VAL A 218 5.70 8.90 -5.50
C VAL A 218 4.93 8.57 -4.23
N ILE A 219 3.69 8.11 -4.40
CA ILE A 219 2.84 7.50 -3.34
C ILE A 219 2.70 6.00 -3.65
N TYR A 220 2.47 5.18 -2.64
CA TYR A 220 2.41 3.70 -2.74
C TYR A 220 1.03 3.22 -2.27
N ARG A 221 0.13 4.19 -2.01
CA ARG A 221 -1.30 4.01 -1.72
C ARG A 221 -2.07 4.98 -2.59
N GLY A 222 -3.01 4.47 -3.38
CA GLY A 222 -3.82 5.25 -4.34
C GLY A 222 -4.63 6.33 -3.64
N GLU A 223 -5.00 6.10 -2.38
CA GLU A 223 -5.94 7.01 -1.66
C GLU A 223 -5.19 8.28 -1.17
N GLN A 224 -3.87 8.38 -1.39
CA GLN A 224 -3.10 9.62 -1.06
C GLN A 224 -3.12 10.62 -2.21
N ALA A 225 -4.00 10.44 -3.20
CA ALA A 225 -4.16 11.42 -4.30
C ALA A 225 -5.63 11.49 -4.71
N TYR A 226 -6.11 12.69 -5.00
CA TYR A 226 -7.43 12.95 -5.61
C TYR A 226 -7.19 13.58 -6.98
N PRO A 227 -7.79 13.03 -8.07
CA PRO A 227 -7.61 13.58 -9.41
C PRO A 227 -8.57 14.75 -9.66
N GLU A 228 -8.19 15.94 -9.20
CA GLU A 228 -9.13 17.06 -8.97
C GLU A 228 -9.56 17.71 -10.30
N TYR A 229 -8.64 17.85 -11.25
CA TYR A 229 -8.86 18.54 -12.54
C TYR A 229 -8.36 17.68 -13.68
N LEU A 230 -9.20 17.52 -14.69
CA LEU A 230 -8.87 16.78 -15.94
C LEU A 230 -8.64 17.83 -17.04
N ILE A 231 -7.42 17.90 -17.55
CA ILE A 231 -6.97 18.92 -18.54
C ILE A 231 -6.86 18.22 -19.90
N THR A 232 -7.64 18.71 -20.87
CA THR A 232 -7.54 18.30 -22.29
C THR A 232 -6.74 19.37 -23.03
N TYR A 233 -5.72 18.95 -23.76
CA TYR A 233 -4.75 19.87 -24.41
C TYR A 233 -4.09 19.19 -25.60
N GLN A 234 -3.41 20.02 -26.39
CA GLN A 234 -2.35 19.59 -27.34
C GLN A 234 -1.06 20.28 -26.91
N ILE A 235 0.07 19.67 -27.20
CA ILE A 235 1.36 20.41 -27.23
C ILE A 235 1.28 21.32 -28.44
N MET A 236 1.81 22.53 -28.33
CA MET A 236 1.77 23.53 -29.43
C MET A 236 3.05 23.40 -30.26
N ARG A 237 2.94 23.27 -31.58
CA ARG A 237 4.11 23.39 -32.48
C ARG A 237 4.70 24.79 -32.33
N PRO A 238 5.98 24.95 -31.95
CA PRO A 238 6.59 26.28 -31.85
C PRO A 238 6.80 26.90 -33.25
N GLU A 239 6.89 28.24 -33.34
CA GLU A 239 7.10 29.06 -34.57
C GLU A 239 5.74 29.36 -35.23
N SER B 29 -0.28 5.46 23.40
CA SER B 29 -0.42 4.12 22.71
C SER B 29 -1.90 3.85 22.37
N GLY B 30 -2.77 3.83 23.39
CA GLY B 30 -4.21 3.52 23.25
C GLY B 30 -4.51 2.03 23.37
N THR B 31 -3.47 1.17 23.41
CA THR B 31 -3.63 -0.30 23.48
C THR B 31 -3.78 -0.74 24.95
N ILE B 32 -4.81 -1.53 25.21
CA ILE B 32 -5.12 -2.19 26.52
C ILE B 32 -5.06 -3.70 26.29
N LEU B 33 -4.43 -4.44 27.20
CA LEU B 33 -4.42 -5.92 27.18
C LEU B 33 -5.37 -6.43 28.27
N ILE B 34 -6.31 -7.30 27.91
CA ILE B 34 -7.29 -7.93 28.83
C ILE B 34 -6.86 -9.39 29.02
N ASP B 35 -6.36 -9.72 30.20
CA ASP B 35 -5.96 -11.10 30.58
CA ASP B 35 -5.95 -11.09 30.56
C ASP B 35 -7.23 -11.96 30.58
N LEU B 36 -7.22 -13.07 29.85
CA LEU B 36 -8.38 -14.01 29.83
C LEU B 36 -8.09 -15.13 30.82
N SER B 37 -9.06 -15.48 31.63
CA SER B 37 -8.96 -16.60 32.60
C SER B 37 -8.95 -17.92 31.81
N PRO B 38 -8.05 -18.87 32.14
CA PRO B 38 -8.05 -20.20 31.52
C PRO B 38 -9.38 -20.94 31.52
N ASP B 39 -10.30 -20.61 32.43
CA ASP B 39 -11.64 -21.24 32.54
C ASP B 39 -12.63 -20.58 31.57
N ASP B 40 -12.26 -19.43 31.02
CA ASP B 40 -13.08 -18.61 30.08
C ASP B 40 -13.11 -19.33 28.73
N LYS B 41 -14.29 -19.48 28.13
CA LYS B 41 -14.49 -20.24 26.88
C LYS B 41 -13.80 -19.49 25.72
N GLU B 42 -13.62 -18.17 25.82
CA GLU B 42 -12.90 -17.36 24.80
C GLU B 42 -11.41 -17.73 24.81
N PHE B 43 -10.78 -17.80 25.99
CA PHE B 43 -9.41 -18.35 26.19
C PHE B 43 -9.36 -19.74 25.55
N GLN B 44 -10.31 -20.60 25.91
CA GLN B 44 -10.31 -22.04 25.54
C GLN B 44 -10.42 -22.19 24.02
N SER B 45 -11.18 -21.36 23.31
CA SER B 45 -11.32 -21.54 21.85
C SER B 45 -10.02 -21.13 21.17
N VAL B 46 -9.34 -20.10 21.66
CA VAL B 46 -8.01 -19.67 21.12
C VAL B 46 -6.95 -20.74 21.45
N GLU B 47 -6.93 -21.24 22.69
CA GLU B 47 -6.05 -22.37 23.13
C GLU B 47 -6.26 -23.58 22.21
N GLU B 48 -7.51 -23.99 21.99
CA GLU B 48 -7.86 -25.17 21.16
C GLU B 48 -7.32 -24.93 19.74
N GLU B 49 -7.58 -23.75 19.16
CA GLU B 49 -7.17 -23.39 17.78
C GLU B 49 -5.65 -23.49 17.64
N MET B 50 -4.95 -22.98 18.63
CA MET B 50 -3.48 -23.05 18.74
C MET B 50 -3.02 -24.51 18.81
N GLN B 51 -3.59 -25.35 19.67
CA GLN B 51 -3.11 -26.75 19.89
C GLN B 51 -3.50 -27.64 18.69
N SER B 52 -4.72 -27.47 18.17
CA SER B 52 -5.32 -28.35 17.14
C SER B 52 -4.68 -28.12 15.76
N THR B 53 -4.07 -26.97 15.51
CA THR B 53 -3.57 -26.61 14.15
C THR B 53 -2.06 -26.85 14.04
N VAL B 54 -1.46 -27.53 15.01
CA VAL B 54 -0.03 -27.98 14.94
C VAL B 54 0.10 -29.08 13.89
N ARG B 55 1.13 -29.01 13.03
CA ARG B 55 1.45 -30.02 11.99
C ARG B 55 2.92 -30.40 12.12
N GLU B 56 3.32 -31.54 11.55
CA GLU B 56 4.76 -31.87 11.34
C GLU B 56 5.21 -31.12 10.09
N HIS B 57 6.36 -30.44 10.17
CA HIS B 57 6.87 -29.58 9.07
C HIS B 57 7.92 -30.34 8.26
N ARG B 58 8.02 -30.05 6.96
CA ARG B 58 9.01 -30.65 6.01
C ARG B 58 10.44 -30.43 6.52
N ASP B 59 10.70 -29.34 7.28
CA ASP B 59 12.07 -28.98 7.74
C ASP B 59 12.44 -29.82 8.99
N GLY B 60 11.58 -30.74 9.43
CA GLY B 60 11.88 -31.63 10.57
C GLY B 60 12.13 -30.88 11.88
N GLY B 61 11.63 -29.64 12.00
CA GLY B 61 11.70 -28.81 13.21
C GLY B 61 12.83 -27.79 13.17
N HIS B 62 13.54 -27.68 12.05
CA HIS B 62 14.77 -26.85 11.96
C HIS B 62 14.46 -25.41 12.38
N ALA B 63 13.31 -24.87 11.98
CA ALA B 63 12.96 -23.43 12.14
C ALA B 63 12.27 -23.16 13.48
N GLY B 64 11.31 -23.98 13.88
CA GLY B 64 10.39 -23.71 15.01
C GLY B 64 10.63 -24.61 16.22
N GLY B 65 11.39 -25.69 16.07
CA GLY B 65 11.70 -26.65 17.14
C GLY B 65 10.95 -27.95 16.95
N ILE B 66 11.21 -28.94 17.81
CA ILE B 66 10.54 -30.28 17.81
C ILE B 66 9.52 -30.28 18.95
N PHE B 67 8.24 -30.41 18.60
CA PHE B 67 7.08 -30.40 19.53
C PHE B 67 5.85 -30.88 18.78
N ASN B 68 4.84 -31.36 19.50
CA ASN B 68 3.51 -31.66 18.94
C ASN B 68 2.45 -30.87 19.71
N ARG B 69 2.84 -30.16 20.79
CA ARG B 69 1.92 -29.46 21.71
CA ARG B 69 1.94 -29.48 21.74
C ARG B 69 2.63 -28.24 22.29
N TYR B 70 1.87 -27.26 22.78
CA TYR B 70 2.37 -26.05 23.45
C TYR B 70 1.98 -26.09 24.94
N ASN B 71 2.75 -25.38 25.76
CA ASN B 71 2.36 -24.87 27.09
C ASN B 71 1.75 -23.47 26.88
N ILE B 72 0.42 -23.36 26.89
CA ILE B 72 -0.26 -22.03 26.74
C ILE B 72 -0.23 -21.34 28.10
N LEU B 73 0.56 -20.28 28.23
CA LEU B 73 0.80 -19.56 29.51
C LEU B 73 -0.20 -18.42 29.70
N LYS B 74 -0.58 -17.75 28.62
CA LYS B 74 -1.32 -16.46 28.73
C LYS B 74 -1.98 -16.13 27.40
N ILE B 75 -3.24 -15.78 27.45
CA ILE B 75 -3.98 -15.25 26.26
C ILE B 75 -4.61 -13.93 26.68
N GLN B 76 -4.32 -12.88 25.91
CA GLN B 76 -4.79 -11.50 26.17
C GLN B 76 -5.56 -11.00 24.93
N LYS B 77 -6.77 -10.47 25.11
CA LYS B 77 -7.47 -9.65 24.09
C LYS B 77 -6.72 -8.33 23.95
N VAL B 78 -6.37 -7.95 22.73
CA VAL B 78 -5.75 -6.63 22.43
C VAL B 78 -6.88 -5.67 22.10
N CYS B 79 -7.03 -4.59 22.86
CA CYS B 79 -8.12 -3.59 22.70
CA CYS B 79 -8.11 -3.58 22.70
C CYS B 79 -7.49 -2.22 22.35
N ASN B 80 -7.65 -1.78 21.12
CA ASN B 80 -7.17 -0.47 20.61
C ASN B 80 -8.23 0.11 19.66
N LYS B 81 -8.95 1.15 20.06
CA LYS B 81 -10.04 1.80 19.25
C LYS B 81 -9.47 2.28 17.91
N LYS B 82 -8.30 2.94 17.91
CA LYS B 82 -7.71 3.51 16.68
C LYS B 82 -7.48 2.36 15.69
N LEU B 83 -6.87 1.27 16.15
CA LEU B 83 -6.49 0.14 15.26
C LEU B 83 -7.74 -0.62 14.79
N TRP B 84 -8.74 -0.80 15.65
CA TRP B 84 -10.02 -1.47 15.32
C TRP B 84 -10.77 -0.69 14.23
N GLU B 85 -10.85 0.64 14.36
CA GLU B 85 -11.53 1.54 13.40
C GLU B 85 -10.81 1.47 12.04
N ARG B 86 -9.48 1.54 12.07
N ARG B 86 -9.48 1.56 12.05
CA ARG B 86 -8.58 1.39 10.90
CA ARG B 86 -8.65 1.40 10.83
C ARG B 86 -8.95 0.08 10.18
C ARG B 86 -9.06 0.08 10.16
N TYR B 87 -9.09 -1.01 10.92
CA TYR B 87 -9.41 -2.36 10.39
C TYR B 87 -10.81 -2.36 9.76
N THR B 88 -11.85 -1.95 10.48
CA THR B 88 -13.25 -2.08 10.02
C THR B 88 -13.48 -1.18 8.80
N HIS B 89 -12.84 -0.01 8.79
CA HIS B 89 -12.90 0.96 7.66
C HIS B 89 -12.35 0.30 6.39
N ARG B 90 -11.17 -0.32 6.49
CA ARG B 90 -10.56 -1.03 5.34
C ARG B 90 -11.51 -2.16 4.92
N ARG B 91 -12.09 -2.86 5.89
CA ARG B 91 -12.88 -4.09 5.65
C ARG B 91 -14.12 -3.73 4.83
N LYS B 92 -14.80 -2.63 5.16
CA LYS B 92 -15.93 -2.08 4.38
C LYS B 92 -15.49 -1.89 2.93
N GLU B 93 -14.32 -1.28 2.70
CA GLU B 93 -13.81 -0.96 1.35
C GLU B 93 -13.57 -2.25 0.57
N VAL B 94 -12.88 -3.21 1.18
CA VAL B 94 -12.55 -4.52 0.55
C VAL B 94 -13.85 -5.21 0.16
N SER B 95 -14.83 -5.17 1.06
CA SER B 95 -16.17 -5.79 0.94
C SER B 95 -16.87 -5.33 -0.34
N GLU B 96 -16.89 -4.02 -0.60
CA GLU B 96 -17.58 -3.38 -1.75
C GLU B 96 -16.91 -3.78 -3.05
N GLU B 97 -15.63 -4.15 -2.99
CA GLU B 97 -14.84 -4.63 -4.15
C GLU B 97 -14.91 -6.17 -4.31
N ASN B 98 -15.66 -6.90 -3.47
CA ASN B 98 -15.62 -8.39 -3.44
C ASN B 98 -17.03 -8.95 -3.16
N HIS B 99 -18.03 -8.43 -3.88
CA HIS B 99 -19.44 -8.92 -3.84
C HIS B 99 -20.02 -8.80 -2.42
N ASN B 100 -19.75 -7.66 -1.77
N ASN B 100 -19.73 -7.67 -1.75
CA ASN B 100 -20.28 -7.30 -0.43
CA ASN B 100 -20.30 -7.32 -0.44
C ASN B 100 -19.93 -8.40 0.58
C ASN B 100 -19.92 -8.40 0.59
N HIS B 101 -18.67 -8.89 0.54
CA HIS B 101 -18.10 -9.85 1.53
C HIS B 101 -16.59 -9.65 1.75
N ALA B 102 -16.19 -9.51 3.01
CA ALA B 102 -14.82 -9.20 3.48
C ALA B 102 -13.89 -10.38 3.27
N ASN B 103 -14.44 -11.60 3.31
CA ASN B 103 -13.64 -12.87 3.34
C ASN B 103 -12.67 -12.76 4.53
N GLU B 104 -13.24 -12.58 5.71
CA GLU B 104 -12.48 -12.43 6.97
C GLU B 104 -12.14 -13.82 7.51
N ARG B 105 -10.90 -14.01 7.93
CA ARG B 105 -10.44 -15.26 8.59
C ARG B 105 -9.71 -14.90 9.90
N MET B 106 -9.77 -15.79 10.88
CA MET B 106 -8.89 -15.78 12.07
C MET B 106 -7.61 -16.54 11.72
N LEU B 107 -6.44 -15.87 11.71
CA LEU B 107 -5.15 -16.49 11.31
C LEU B 107 -4.05 -16.12 12.31
N PHE B 108 -3.08 -17.03 12.46
CA PHE B 108 -1.88 -16.83 13.31
C PHE B 108 -0.91 -15.93 12.54
N HIS B 109 -0.25 -15.04 13.28
CA HIS B 109 0.91 -14.27 12.79
C HIS B 109 2.12 -14.51 13.71
N GLY B 110 3.28 -14.76 13.13
CA GLY B 110 4.57 -14.87 13.84
C GLY B 110 5.57 -13.88 13.28
N SER B 111 6.24 -13.13 14.16
CA SER B 111 7.39 -12.26 13.85
C SER B 111 8.07 -11.86 15.15
N PRO B 112 9.31 -11.33 15.12
CA PRO B 112 9.92 -10.70 16.29
C PRO B 112 9.24 -9.38 16.75
N PHE B 113 8.18 -8.89 16.08
CA PHE B 113 7.72 -7.48 16.23
C PHE B 113 6.34 -7.41 16.86
N VAL B 114 5.96 -8.47 17.55
CA VAL B 114 4.63 -8.62 18.20
C VAL B 114 4.36 -7.40 19.10
N ASN B 115 5.33 -6.95 19.89
CA ASN B 115 5.12 -5.83 20.84
C ASN B 115 4.84 -4.53 20.08
N ALA B 116 5.60 -4.23 19.03
CA ALA B 116 5.35 -3.04 18.18
C ALA B 116 3.94 -3.12 17.59
N ILE B 117 3.54 -4.30 17.09
CA ILE B 117 2.27 -4.53 16.33
C ILE B 117 1.06 -4.27 17.24
N ILE B 118 1.08 -4.72 18.49
CA ILE B 118 -0.10 -4.55 19.40
C ILE B 118 -0.26 -3.08 19.76
N HIS B 119 0.79 -2.26 19.62
CA HIS B 119 0.76 -0.83 19.98
C HIS B 119 0.50 0.02 18.73
N LYS B 120 1.14 -0.28 17.60
CA LYS B 120 1.12 0.60 16.40
C LYS B 120 0.33 -0.03 15.24
N GLY B 121 -0.01 -1.31 15.34
CA GLY B 121 -0.69 -2.05 14.26
C GLY B 121 0.32 -2.66 13.31
N PHE B 122 -0.12 -3.58 12.43
CA PHE B 122 0.72 -4.10 11.34
C PHE B 122 1.10 -2.94 10.42
N ASP B 123 2.30 -3.04 9.84
CA ASP B 123 2.90 -1.98 9.01
C ASP B 123 3.63 -2.65 7.85
N GLU B 124 3.09 -2.57 6.64
CA GLU B 124 3.66 -3.19 5.42
C GLU B 124 5.02 -2.56 5.12
N ARG B 125 5.28 -1.34 5.61
CA ARG B 125 6.55 -0.63 5.34
C ARG B 125 7.72 -1.36 6.00
N HIS B 126 7.44 -2.31 6.89
CA HIS B 126 8.46 -3.13 7.63
C HIS B 126 8.48 -4.56 7.07
N ALA B 127 7.77 -4.85 6.00
CA ALA B 127 7.68 -6.19 5.38
C ALA B 127 9.07 -6.60 4.89
N TYR B 128 9.43 -7.88 5.02
CA TYR B 128 10.72 -8.45 4.56
C TYR B 128 10.55 -8.91 3.11
N ILE B 129 11.43 -8.45 2.23
CA ILE B 129 11.23 -8.51 0.75
C ILE B 129 11.60 -9.92 0.25
N GLY B 130 12.24 -10.75 1.09
CA GLY B 130 12.66 -12.13 0.74
C GLY B 130 11.61 -13.19 1.01
N GLY B 131 10.32 -12.83 1.10
CA GLY B 131 9.23 -13.82 1.25
C GLY B 131 8.86 -14.44 -0.10
N MET B 132 8.29 -15.64 -0.08
CA MET B 132 7.84 -16.40 -1.28
C MET B 132 6.88 -15.52 -2.10
N PHE B 133 6.12 -14.63 -1.47
CA PHE B 133 5.02 -13.84 -2.10
C PHE B 133 5.27 -12.33 -1.95
N GLY B 134 6.55 -11.96 -1.92
CA GLY B 134 7.00 -10.56 -1.93
C GLY B 134 6.86 -9.89 -0.58
N ALA B 135 6.87 -8.57 -0.61
CA ALA B 135 6.88 -7.69 0.57
C ALA B 135 5.45 -7.54 1.08
N GLY B 136 5.03 -8.50 1.91
CA GLY B 136 3.71 -8.50 2.55
C GLY B 136 3.79 -8.99 3.98
N ILE B 137 2.65 -9.03 4.64
CA ILE B 137 2.49 -9.54 6.03
C ILE B 137 1.90 -10.93 5.92
N TYR B 138 2.58 -11.91 6.49
CA TYR B 138 2.29 -13.36 6.35
C TYR B 138 1.49 -13.81 7.58
N PHE B 139 0.38 -14.51 7.32
CA PHE B 139 -0.49 -15.21 8.30
C PHE B 139 -0.55 -16.70 7.92
N ALA B 140 -1.00 -17.54 8.85
CA ALA B 140 -1.10 -19.00 8.67
C ALA B 140 -2.33 -19.50 9.43
N GLU B 141 -2.92 -20.59 8.95
CA GLU B 141 -4.04 -21.29 9.62
C GLU B 141 -3.47 -22.38 10.54
N ASN B 142 -2.17 -22.64 10.46
CA ASN B 142 -1.42 -23.56 11.35
C ASN B 142 -0.54 -22.74 12.30
N SER B 143 -0.81 -22.79 13.60
CA SER B 143 -0.04 -22.10 14.66
C SER B 143 1.44 -22.48 14.53
N SER B 144 1.74 -23.75 14.25
CA SER B 144 3.13 -24.25 14.17
C SER B 144 3.89 -23.64 12.97
N LYS B 145 3.16 -23.19 11.95
CA LYS B 145 3.79 -22.52 10.78
C LYS B 145 4.24 -21.11 11.20
N SER B 146 3.38 -20.33 11.88
CA SER B 146 3.71 -18.97 12.36
C SER B 146 4.83 -19.05 13.41
N ASN B 147 4.80 -20.08 14.27
CA ASN B 147 5.83 -20.36 15.30
C ASN B 147 7.23 -20.38 14.68
N GLN B 148 7.36 -20.83 13.43
CA GLN B 148 8.66 -20.85 12.68
C GLN B 148 9.24 -19.45 12.48
N TYR B 149 8.49 -18.37 12.68
CA TYR B 149 8.97 -17.00 12.34
C TYR B 149 9.09 -16.13 13.57
N VAL B 150 8.77 -16.66 14.75
CA VAL B 150 8.72 -15.87 16.02
C VAL B 150 10.10 -15.23 16.26
N TYR B 151 11.17 -15.97 15.92
CA TYR B 151 12.58 -15.56 16.13
C TYR B 151 13.22 -15.10 14.80
N GLY B 152 12.44 -14.95 13.74
CA GLY B 152 12.88 -14.42 12.43
C GLY B 152 12.57 -15.38 11.29
N ILE B 153 12.98 -15.02 10.08
CA ILE B 153 12.87 -15.87 8.86
C ILE B 153 13.63 -17.18 9.10
N GLY B 154 12.99 -18.32 8.85
CA GLY B 154 13.55 -19.65 9.13
C GLY B 154 14.03 -19.76 10.56
N GLY B 155 13.34 -19.10 11.50
CA GLY B 155 13.61 -19.23 12.95
C GLY B 155 14.82 -18.43 13.41
N GLY B 156 15.47 -17.68 12.52
CA GLY B 156 16.67 -16.87 12.81
C GLY B 156 17.74 -17.68 13.53
N THR B 157 18.31 -17.09 14.58
CA THR B 157 19.38 -17.71 15.42
C THR B 157 18.74 -18.36 16.66
N GLY B 158 17.40 -18.49 16.70
CA GLY B 158 16.67 -19.11 17.83
C GLY B 158 16.40 -18.10 18.93
N CYS B 159 16.07 -18.58 20.13
CA CYS B 159 15.82 -17.71 21.32
C CYS B 159 17.06 -16.87 21.57
N PRO B 160 16.90 -15.61 22.03
CA PRO B 160 18.05 -14.77 22.35
C PRO B 160 18.99 -15.36 23.41
N VAL B 161 18.46 -16.01 24.46
CA VAL B 161 19.27 -16.43 25.64
C VAL B 161 20.13 -17.66 25.31
N HIS B 162 19.58 -18.67 24.63
CA HIS B 162 20.27 -19.97 24.33
C HIS B 162 20.57 -20.15 22.83
N LYS B 163 20.28 -19.14 21.99
CA LYS B 163 20.47 -19.23 20.51
C LYS B 163 20.03 -20.62 20.03
N ASP B 164 18.83 -21.05 20.44
CA ASP B 164 18.26 -22.40 20.16
C ASP B 164 16.85 -22.22 19.58
N ARG B 165 16.62 -22.72 18.36
CA ARG B 165 15.31 -22.60 17.66
C ARG B 165 14.31 -23.59 18.29
N SER B 166 14.79 -24.62 18.98
CA SER B 166 13.94 -25.66 19.62
C SER B 166 13.92 -25.44 21.13
N CYS B 167 14.13 -24.21 21.59
CA CYS B 167 14.25 -23.90 23.04
C CYS B 167 12.90 -24.15 23.69
N TYR B 168 12.88 -24.94 24.76
CA TYR B 168 11.68 -25.31 25.54
C TYR B 168 11.53 -24.37 26.73
N ILE B 169 12.52 -23.50 26.96
CA ILE B 169 12.63 -22.68 28.19
C ILE B 169 12.03 -21.29 27.93
N CYS B 170 12.65 -20.52 27.04
CA CYS B 170 12.23 -19.12 26.72
C CYS B 170 10.77 -19.13 26.24
N HIS B 171 10.00 -18.13 26.65
CA HIS B 171 8.56 -17.94 26.30
C HIS B 171 8.43 -17.19 24.97
N ARG B 172 7.56 -17.68 24.08
CA ARG B 172 7.29 -17.11 22.73
C ARG B 172 5.94 -16.40 22.73
N GLN B 173 5.71 -15.51 21.76
CA GLN B 173 4.39 -14.86 21.56
C GLN B 173 3.96 -14.99 20.09
N LEU B 174 2.73 -15.47 19.88
CA LEU B 174 2.03 -15.44 18.58
C LEU B 174 0.88 -14.45 18.71
N LEU B 175 0.46 -13.90 17.57
CA LEU B 175 -0.82 -13.18 17.44
C LEU B 175 -1.80 -14.08 16.70
N PHE B 176 -3.02 -14.15 17.22
CA PHE B 176 -4.19 -14.74 16.54
C PHE B 176 -5.05 -13.57 16.11
N CYS B 177 -5.10 -13.32 14.79
CA CYS B 177 -5.50 -12.03 14.19
C CYS B 177 -6.74 -12.18 13.31
N ARG B 178 -7.50 -11.11 13.26
CA ARG B 178 -8.64 -10.97 12.33
C ARG B 178 -8.09 -10.36 11.04
N VAL B 179 -8.20 -11.09 9.93
CA VAL B 179 -7.56 -10.73 8.64
C VAL B 179 -8.63 -10.67 7.55
N THR B 180 -8.65 -9.56 6.80
CA THR B 180 -9.52 -9.36 5.63
C THR B 180 -8.75 -9.79 4.39
N LEU B 181 -9.14 -10.92 3.78
CA LEU B 181 -8.50 -11.49 2.57
C LEU B 181 -9.14 -10.92 1.31
N GLY B 182 -10.41 -10.54 1.39
CA GLY B 182 -11.23 -10.15 0.23
C GLY B 182 -11.06 -11.14 -0.92
N LYS B 183 -10.83 -10.62 -2.12
CA LYS B 183 -10.56 -11.46 -3.30
C LYS B 183 -9.10 -11.88 -3.27
N SER B 184 -8.85 -13.11 -2.87
CA SER B 184 -7.49 -13.64 -2.64
C SER B 184 -6.96 -14.21 -3.96
N PHE B 185 -5.76 -13.82 -4.38
CA PHE B 185 -5.07 -14.32 -5.59
C PHE B 185 -4.34 -15.61 -5.24
N LEU B 186 -4.58 -16.67 -5.99
CA LEU B 186 -3.93 -18.00 -5.74
C LEU B 186 -2.56 -18.03 -6.43
N GLN B 187 -1.55 -18.57 -5.74
CA GLN B 187 -0.17 -18.76 -6.26
C GLN B 187 0.46 -20.04 -5.64
N PHE B 188 1.46 -20.63 -6.31
CA PHE B 188 2.26 -21.81 -5.85
C PHE B 188 3.65 -21.38 -5.37
N MET B 193 6.92 -9.08 -6.14
CA MET B 193 5.53 -8.58 -5.92
C MET B 193 5.50 -7.59 -4.74
N ALA B 194 4.83 -6.46 -4.93
CA ALA B 194 4.80 -5.30 -3.99
C ALA B 194 3.41 -5.17 -3.35
N HIS B 195 2.36 -5.30 -4.15
CA HIS B 195 0.94 -5.09 -3.77
C HIS B 195 0.12 -6.31 -4.17
N SER B 196 -1.16 -6.34 -3.82
CA SER B 196 -2.12 -7.34 -4.37
C SER B 196 -2.18 -7.15 -5.88
N PRO B 197 -2.31 -8.22 -6.69
CA PRO B 197 -2.65 -8.04 -8.10
C PRO B 197 -3.91 -7.20 -8.29
N PRO B 198 -4.08 -6.55 -9.46
CA PRO B 198 -5.32 -5.83 -9.78
C PRO B 198 -6.59 -6.64 -9.52
N GLY B 199 -7.59 -5.98 -8.94
CA GLY B 199 -8.87 -6.58 -8.55
C GLY B 199 -8.79 -7.46 -7.30
N HIS B 200 -7.60 -7.70 -6.74
CA HIS B 200 -7.38 -8.64 -5.61
C HIS B 200 -6.93 -7.89 -4.34
N HIS B 201 -7.12 -8.52 -3.18
CA HIS B 201 -6.93 -7.93 -1.84
C HIS B 201 -5.90 -8.67 -0.99
N SER B 202 -5.53 -9.89 -1.38
CA SER B 202 -4.57 -10.74 -0.64
C SER B 202 -4.00 -11.77 -1.61
N VAL B 203 -3.02 -12.56 -1.15
CA VAL B 203 -2.46 -13.72 -1.88
C VAL B 203 -2.63 -14.94 -0.96
N THR B 204 -3.18 -16.03 -1.48
CA THR B 204 -3.21 -17.35 -0.81
C THR B 204 -2.13 -18.21 -1.46
N GLY B 205 -1.12 -18.62 -0.69
CA GLY B 205 -0.17 -19.67 -1.09
C GLY B 205 -0.71 -21.05 -0.76
N ARG B 206 -0.79 -21.95 -1.75
CA ARG B 206 -1.41 -23.32 -1.66
C ARG B 206 -2.89 -23.19 -1.27
N ALA B 213 3.86 -26.68 1.40
CA ALA B 213 3.38 -27.80 2.26
C ALA B 213 2.08 -27.40 2.99
N LEU B 214 2.00 -26.16 3.50
CA LEU B 214 0.91 -25.67 4.38
C LEU B 214 0.44 -24.28 3.90
N ALA B 215 -0.86 -23.97 4.02
CA ALA B 215 -1.48 -22.73 3.47
C ALA B 215 -0.92 -21.49 4.19
N GLU B 216 -0.54 -20.46 3.43
CA GLU B 216 -0.17 -19.13 3.96
C GLU B 216 -0.98 -18.07 3.22
N TYR B 217 -1.27 -16.95 3.90
CA TYR B 217 -2.02 -15.79 3.38
C TYR B 217 -1.19 -14.54 3.59
N VAL B 218 -1.22 -13.65 2.61
CA VAL B 218 -0.38 -12.42 2.58
C VAL B 218 -1.26 -11.22 2.26
N ILE B 219 -1.15 -10.18 3.08
CA ILE B 219 -1.76 -8.83 2.86
C ILE B 219 -0.61 -7.83 2.59
N TYR B 220 -0.90 -6.73 1.91
CA TYR B 220 0.10 -5.73 1.46
C TYR B 220 -0.29 -4.36 2.04
N ARG B 221 -1.31 -4.36 2.90
CA ARG B 221 -1.76 -3.21 3.70
C ARG B 221 -1.93 -3.66 5.14
N GLY B 222 -1.29 -2.95 6.07
CA GLY B 222 -1.31 -3.30 7.50
C GLY B 222 -2.71 -3.27 8.07
N GLU B 223 -3.57 -2.40 7.53
CA GLU B 223 -4.93 -2.18 8.09
C GLU B 223 -5.89 -3.32 7.67
N GLN B 224 -5.46 -4.31 6.87
CA GLN B 224 -6.29 -5.51 6.55
C GLN B 224 -6.14 -6.61 7.61
N ALA B 225 -5.52 -6.31 8.74
CA ALA B 225 -5.42 -7.27 9.87
C ALA B 225 -5.55 -6.52 11.19
N TYR B 226 -6.24 -7.12 12.15
CA TYR B 226 -6.29 -6.66 13.56
C TYR B 226 -5.65 -7.74 14.43
N PRO B 227 -4.66 -7.38 15.28
CA PRO B 227 -4.00 -8.35 16.16
C PRO B 227 -4.83 -8.57 17.44
N GLU B 228 -5.83 -9.44 17.37
CA GLU B 228 -6.95 -9.50 18.33
C GLU B 228 -6.50 -10.18 19.65
N TYR B 229 -5.68 -11.22 19.57
CA TYR B 229 -5.24 -12.00 20.74
C TYR B 229 -3.73 -12.16 20.74
N LEU B 230 -3.11 -11.87 21.88
CA LEU B 230 -1.65 -12.06 22.12
C LEU B 230 -1.49 -13.31 22.99
N ILE B 231 -0.83 -14.32 22.43
CA ILE B 231 -0.69 -15.67 23.06
C ILE B 231 0.76 -15.78 23.50
N THR B 232 0.98 -15.94 24.80
CA THR B 232 2.30 -16.26 25.39
C THR B 232 2.35 -17.76 25.67
N TYR B 233 3.37 -18.44 25.19
CA TYR B 233 3.45 -19.92 25.24
C TYR B 233 4.92 -20.38 25.21
N GLN B 234 5.12 -21.66 25.51
CA GLN B 234 6.34 -22.42 25.14
C GLN B 234 5.92 -23.59 24.24
N ILE B 235 6.83 -24.02 23.38
CA ILE B 235 6.71 -25.37 22.77
C ILE B 235 6.96 -26.37 23.89
N MET B 236 6.25 -27.50 23.87
CA MET B 236 6.36 -28.54 24.93
C MET B 236 7.40 -29.57 24.48
N ARG B 237 8.39 -29.88 25.34
CA ARG B 237 9.32 -31.03 25.13
C ARG B 237 8.47 -32.30 25.04
N PRO B 238 8.54 -33.07 23.93
CA PRO B 238 7.80 -34.34 23.82
C PRO B 238 8.44 -35.40 24.72
N GLU B 239 7.67 -36.42 25.13
CA GLU B 239 8.05 -37.38 26.22
C GLU B 239 9.41 -38.04 25.92
ZN ZN C . -1.45 11.80 -33.49
CAA NJN D . 10.64 6.28 -15.63
CAB NJN D . 9.30 6.97 -15.28
OAC NJN D . 8.50 6.01 -14.55
CAD NJN D . 7.16 6.18 -14.30
CAE NJN D . 6.54 5.08 -13.76
NAF NJN D . 5.18 5.08 -13.47
CAI NJN D . 6.41 7.31 -14.58
CAH NJN D . 5.04 7.30 -14.26
CAG NJN D . 4.43 6.17 -13.69
CAJ NJN D . 3.14 6.07 -13.32
NBE NJN D . 2.18 5.46 -13.98
CBF NJN D . 2.28 4.95 -15.19
CBG NJN D . 2.11 3.61 -15.43
CBH NJN D . 2.21 3.15 -16.74
CBI NJN D . 2.46 4.04 -17.77
CBJ NJN D . 2.59 5.40 -17.54
CBK NJN D . 2.50 5.86 -16.23
NAK NJN D . 2.65 6.49 -12.15
NAL NJN D . 1.41 6.22 -12.08
CAM NJN D . 1.09 5.60 -13.22
CAN NJN D . -0.31 5.04 -13.58
CAQ NJN D . -1.40 5.41 -12.52
CAO NJN D . -0.42 3.55 -13.20
CAP NJN D . -1.56 3.88 -12.19
NAR NJN D . -2.86 3.24 -12.58
CAS NJN D . -4.04 3.47 -11.93
OAT NJN D . -4.14 4.15 -10.90
CAU NJN D . -5.21 2.81 -12.38
CAV NJN D . -5.28 1.95 -13.45
NAW NJN D . -4.19 1.71 -14.18
CAX NJN D . -4.23 0.83 -15.25
CAY NJN D . -5.42 0.19 -15.61
CAZ NJN D . -6.58 0.45 -14.89
CBA NJN D . -6.51 1.32 -13.80
NBB NJN D . -7.63 1.54 -13.10
CBC NJN D . -7.61 2.41 -12.03
CBD NJN D . -6.41 3.05 -11.68
HAB NJN D . 11.46 6.99 -15.56
HAC NJN D . 10.59 5.91 -16.66
HAA NJN D . 10.81 5.44 -14.96
HAE NJN D . 9.48 7.85 -14.67
HAD NJN D . 8.79 7.26 -16.20
HAF NJN D . 7.12 4.19 -13.55
HAI NJN D . 6.87 8.19 -15.01
HAH NJN D . 4.45 8.19 -14.45
HBG NJN D . 1.93 2.91 -14.62
HBH NJN D . 2.11 2.09 -16.96
HBI NJN D . 2.53 3.65 -18.79
HBJ NJN D . 2.79 6.10 -18.36
HBK NJN D . 2.61 6.92 -16.03
HAN NJN D . -0.63 5.24 -14.60
HAS NJN D . -1.10 5.77 -11.55
HAR NJN D . -2.41 5.65 -12.83
HAP NJN D . -0.73 2.95 -14.05
HAO NJN D . 0.50 3.19 -12.72
HAQ NJN D . -1.25 3.66 -11.17
HBL NJN D . -2.85 2.66 -13.40
HAX NJN D . -3.32 0.64 -15.82
HAY NJN D . -5.45 -0.47 -16.47
HAZ NJN D . -7.52 -0.02 -15.16
HBC NJN D . -8.51 2.60 -11.46
HBD NJN D . -6.41 3.70 -10.82
ZN ZN E . 15.95 -20.17 25.21
CAA NJN F . 10.03 -17.36 4.14
CAB NJN F . 8.92 -16.77 5.04
OAC NJN F . 8.70 -15.40 4.69
CAD NJN F . 8.07 -14.61 5.59
CAE NJN F . 8.20 -13.27 5.37
NAF NJN F . 7.62 -12.36 6.24
CAI NJN F . 7.34 -15.05 6.70
CAH NJN F . 6.77 -14.11 7.58
CAG NJN F . 6.92 -12.74 7.32
CAJ NJN F . 6.43 -11.71 8.02
NBE NJN F . 7.12 -10.89 8.84
CBF NJN F . 8.36 -11.04 9.25
CBG NJN F . 9.34 -10.08 9.02
CBH NJN F . 10.67 -10.34 9.46
CBI NJN F . 10.98 -11.52 10.13
CBJ NJN F . 10.00 -12.49 10.36
CBK NJN F . 8.69 -12.26 9.93
NAK NJN F . 5.21 -11.24 7.87
NAL NJN F . 5.09 -10.22 8.58
CAM NJN F . 6.25 -9.99 9.22
CAN NJN F . 6.52 -8.84 10.18
CAQ NJN F . 5.23 -8.08 10.56
CAO NJN F . 7.08 -7.59 9.47
CAP NJN F . 5.86 -6.80 9.87
NAR NJN F . 6.19 -5.69 10.80
CAS NJN F . 5.25 -4.87 11.32
OAT NJN F . 4.05 -5.02 11.05
CAU NJN F . 5.67 -3.84 12.19
CAV NJN F . 6.98 -3.53 12.59
NAW NJN F . 8.04 -4.25 12.14
CAX NJN F . 9.33 -3.97 12.52
CAY NJN F . 9.56 -2.90 13.37
CAZ NJN F . 8.53 -2.12 13.83
CBA NJN F . 7.25 -2.45 13.45
NBB NJN F . 6.26 -1.71 13.95
CBC NJN F . 4.97 -1.99 13.58
CBD NJN F . 4.69 -3.02 12.70
HAB NJN F . 9.62 -18.21 3.59
HAC NJN F . 10.85 -17.70 4.77
HAA NJN F . 10.38 -16.60 3.45
HAE NJN F . 8.00 -17.34 4.91
HAD NJN F . 9.25 -16.84 6.08
HAF NJN F . 8.77 -12.91 4.51
HAI NJN F . 7.23 -16.10 6.92
HAH NJN F . 6.20 -14.43 8.45
HBG NJN F . 9.11 -9.16 8.49
HBH NJN F . 11.44 -9.59 9.29
HBI NJN F . 12.01 -11.71 10.47
HBJ NJN F . 10.25 -13.41 10.87
HBK NJN F . 7.92 -13.01 10.10
HAN NJN F . 7.10 -9.13 11.05
HAS NJN F . 4.35 -8.18 9.96
HAR NJN F . 5.11 -7.72 11.56
HAP NJN F . 8.01 -7.24 9.92
HAO NJN F . 7.18 -7.73 8.39
HAQ NJN F . 5.28 -6.50 8.99
HBL NJN F . 7.16 -5.56 11.04
HAX NJN F . 10.16 -4.55 12.13
HAY NJN F . 10.58 -2.66 13.66
HAZ NJN F . 8.72 -1.30 14.53
HBC NJN F . 4.17 -1.37 13.96
HBD NJN F . 3.65 -3.21 12.45
#